data_5J3N
#
_entry.id   5J3N
#
_cell.length_a   83.386
_cell.length_b   176.505
_cell.length_c   126.023
_cell.angle_alpha   90.00
_cell.angle_beta   90.00
_cell.angle_gamma   90.00
#
_symmetry.space_group_name_H-M   'C 2 2 21'
#
loop_
_entity.id
_entity.type
_entity.pdbx_description
1 polymer 'Green fluorescent protein,HsdR'
2 water water
#
_entity_poly.entity_id   1
_entity_poly.type   'polypeptide(L)'
_entity_poly.pdbx_seq_one_letter_code
;MHHHHHHSKGEELFTGVVPILVELDGDVNGHKFSVSGEGEGDATYGKLTLKFICTTGKLPVPWPTLVTTF(GYS)VQCFS
RYPDHMKRHDFFKSAMPEGYVQERTIFFKDDGNYKTRAEVKFEGDTLVNRIELKGIDFKDDGNILGHKLEYNYNEHLVYI
MADKQKNGTKAIFQVHHNIEDGGVQLADHYQQNTPIGDGPVLLPDNHYLHTQSALSKDPNEKRDHMVLLEFVTAAGITHG
MDELYKEFEINLDYILGLIFEHNRQNKGKGEMIEEVKRLIRSSLGNRAKEGLVVDFIQQTNLDDLPDKASIIDAFFTFAQ
REQQREAEALIKEENLNEDAAKRYIRTSLKREYATENGTELNETLPKLSPLNPQYKTKKQAVFQKIVSFIEKFKGVGGKI
;
_entity_poly.pdbx_strand_id   A,B
#
# COMPACT_ATOMS: atom_id res chain seq x y z
N HIS A 6 -1.53 23.53 12.82
CA HIS A 6 -2.78 22.67 12.89
C HIS A 6 -3.85 22.99 11.85
N HIS A 7 -4.47 21.93 11.30
CA HIS A 7 -5.56 22.08 10.31
C HIS A 7 -6.97 22.13 10.91
N SER A 8 -7.14 21.61 12.13
CA SER A 8 -8.40 21.68 12.89
C SER A 8 -8.10 21.76 14.39
N LYS A 9 -9.07 22.22 15.16
CA LYS A 9 -8.95 22.24 16.61
C LYS A 9 -8.97 20.81 17.13
N GLY A 10 -9.74 19.93 16.46
CA GLY A 10 -9.83 18.51 16.84
C GLY A 10 -8.53 17.72 16.78
N GLU A 11 -7.66 18.15 15.86
CA GLU A 11 -6.33 17.59 15.65
C GLU A 11 -5.49 17.64 16.92
N GLU A 12 -5.63 18.71 17.70
CA GLU A 12 -4.85 18.92 18.93
C GLU A 12 -5.16 17.94 20.05
N LEU A 13 -6.34 17.36 20.01
CA LEU A 13 -6.75 16.41 21.03
C LEU A 13 -6.05 15.10 20.88
N PHE A 14 -5.38 14.87 19.74
CA PHE A 14 -4.73 13.59 19.49
C PHE A 14 -3.22 13.61 19.48
N THR A 15 -2.60 14.75 19.81
CA THR A 15 -1.12 14.84 19.83
C THR A 15 -0.39 13.87 20.79
N GLY A 16 -1.08 13.40 21.83
CA GLY A 16 -0.53 12.39 22.76
C GLY A 16 -1.37 11.12 22.86
N VAL A 17 -1.17 10.40 23.95
CA VAL A 17 -1.83 9.10 24.12
C VAL A 17 -3.20 9.36 24.67
N VAL A 18 -4.21 8.73 24.08
CA VAL A 18 -5.62 8.99 24.42
C VAL A 18 -6.29 7.67 24.79
N PRO A 19 -6.91 7.59 25.97
CA PRO A 19 -7.65 6.37 26.38
C PRO A 19 -8.88 6.13 25.51
N ILE A 20 -9.23 4.85 25.31
CA ILE A 20 -10.36 4.47 24.47
C ILE A 20 -11.28 3.53 25.28
N LEU A 21 -12.60 3.69 25.11
CA LEU A 21 -13.60 2.70 25.53
C LEU A 21 -14.32 2.31 24.31
N VAL A 22 -14.64 1.02 24.23
CA VAL A 22 -15.49 0.51 23.16
C VAL A 22 -16.58 -0.29 23.82
N GLU A 23 -17.83 0.01 23.46
CA GLU A 23 -19.01 -0.77 23.88
C GLU A 23 -19.78 -1.20 22.63
N LEU A 24 -20.04 -2.48 22.51
CA LEU A 24 -20.82 -3.04 21.41
C LEU A 24 -21.91 -3.93 21.98
N ASP A 25 -23.14 -3.63 21.56
CA ASP A 25 -24.28 -4.56 21.66
C ASP A 25 -24.61 -5.12 20.28
N GLY A 26 -24.72 -6.44 20.21
CA GLY A 26 -25.01 -7.07 18.97
C GLY A 26 -26.03 -8.20 18.96
N ASP A 27 -26.52 -8.50 17.75
CA ASP A 27 -27.59 -9.47 17.46
C ASP A 27 -27.30 -10.07 16.07
N VAL A 28 -27.04 -11.36 16.00
CA VAL A 28 -26.72 -11.99 14.75
C VAL A 28 -27.52 -13.24 14.66
N ASN A 29 -28.49 -13.25 13.72
CA ASN A 29 -29.48 -14.34 13.55
C ASN A 29 -30.15 -14.63 14.89
N GLY A 30 -30.51 -13.57 15.62
CA GLY A 30 -31.07 -13.68 16.97
C GLY A 30 -30.13 -13.97 18.14
N HIS A 31 -28.89 -14.43 17.89
CA HIS A 31 -27.90 -14.66 18.98
C HIS A 31 -27.39 -13.31 19.46
N LYS A 32 -27.88 -12.86 20.63
CA LYS A 32 -27.53 -11.55 21.16
C LYS A 32 -26.16 -11.68 21.81
N PHE A 33 -25.48 -10.55 21.98
CA PHE A 33 -24.14 -10.56 22.61
C PHE A 33 -23.65 -9.15 22.93
N SER A 34 -22.84 -9.06 23.98
CA SER A 34 -22.19 -7.78 24.34
C SER A 34 -20.71 -7.92 24.44
N VAL A 35 -20.06 -6.81 24.13
CA VAL A 35 -18.62 -6.75 24.17
C VAL A 35 -18.19 -5.42 24.76
N SER A 36 -17.19 -5.50 25.62
CA SER A 36 -16.55 -4.33 26.21
C SER A 36 -15.10 -4.27 25.84
N GLY A 37 -14.63 -3.07 25.54
CA GLY A 37 -13.28 -2.93 25.10
C GLY A 37 -12.58 -1.73 25.64
N GLU A 38 -11.28 -1.89 25.95
CA GLU A 38 -10.49 -0.73 26.31
C GLU A 38 -9.04 -0.80 25.97
N GLY A 39 -8.46 0.40 25.93
CA GLY A 39 -7.03 0.55 25.80
C GLY A 39 -6.76 1.98 25.43
N GLU A 40 -5.96 2.19 24.39
CA GLU A 40 -5.52 3.55 24.04
C GLU A 40 -4.97 3.65 22.65
N GLY A 41 -4.84 4.91 22.24
CA GLY A 41 -4.25 5.24 20.95
C GLY A 41 -3.38 6.47 20.86
N ASP A 42 -2.38 6.38 19.98
CA ASP A 42 -1.34 7.37 19.82
C ASP A 42 -1.24 7.72 18.32
N ALA A 43 -1.95 8.78 17.90
CA ALA A 43 -2.07 9.14 16.49
C ALA A 43 -0.81 9.64 15.87
N THR A 44 0.13 10.04 16.68
CA THR A 44 1.40 10.45 16.16
C THR A 44 2.09 9.25 15.50
N TYR A 45 1.77 8.05 15.98
CA TYR A 45 2.33 6.83 15.49
C TYR A 45 1.31 5.91 14.84
N GLY A 46 0.07 6.40 14.65
CA GLY A 46 -1.02 5.61 14.13
C GLY A 46 -1.26 4.30 14.86
N LYS A 47 -1.08 4.33 16.17
CA LYS A 47 -1.09 3.12 16.95
C LYS A 47 -2.35 2.92 17.78
N LEU A 48 -2.83 1.67 17.82
CA LEU A 48 -3.91 1.25 18.67
C LEU A 48 -3.60 0.00 19.39
N THR A 49 -3.91 0.03 20.69
CA THR A 49 -3.85 -1.14 21.55
C THR A 49 -5.21 -1.21 22.26
N LEU A 50 -5.89 -2.34 22.07
CA LEU A 50 -7.23 -2.51 22.56
C LEU A 50 -7.43 -3.93 22.99
N LYS A 51 -8.14 -4.10 24.10
CA LYS A 51 -8.54 -5.42 24.57
C LYS A 51 -10.05 -5.47 24.65
N PHE A 52 -10.60 -6.60 24.20
CA PHE A 52 -12.06 -6.79 24.06
C PHE A 52 -12.42 -8.03 24.81
N ILE A 53 -13.46 -7.92 25.63
CA ILE A 53 -14.10 -9.07 26.28
C ILE A 53 -15.57 -9.19 25.86
N CYS A 54 -16.00 -10.42 25.61
CA CYS A 54 -17.39 -10.73 25.41
C CYS A 54 -18.04 -10.93 26.78
N THR A 55 -18.77 -9.95 27.23
CA THR A 55 -19.25 -9.93 28.59
C THR A 55 -20.40 -10.91 28.85
N THR A 56 -21.04 -11.35 27.77
CA THR A 56 -22.19 -12.29 27.79
C THR A 56 -21.84 -13.78 27.67
N GLY A 57 -20.54 -14.09 27.61
CA GLY A 57 -20.09 -15.49 27.59
C GLY A 57 -19.34 -15.75 26.32
N LYS A 58 -19.76 -16.79 25.60
CA LYS A 58 -19.32 -17.05 24.21
C LYS A 58 -19.84 -15.98 23.15
N LEU A 59 -18.92 -15.45 22.34
CA LEU A 59 -19.26 -14.66 21.14
C LEU A 59 -19.76 -15.59 20.04
N PRO A 60 -20.99 -15.37 19.54
CA PRO A 60 -21.56 -16.32 18.55
C PRO A 60 -20.94 -16.21 17.11
N VAL A 61 -20.21 -15.12 16.83
CA VAL A 61 -19.44 -14.91 15.59
C VAL A 61 -17.94 -14.91 15.89
N PRO A 62 -17.08 -15.11 14.86
CA PRO A 62 -15.64 -15.03 15.13
C PRO A 62 -15.14 -13.60 15.37
N TRP A 63 -14.15 -13.51 16.27
CA TRP A 63 -13.54 -12.24 16.68
C TRP A 63 -13.08 -11.40 15.51
N PRO A 64 -12.35 -11.98 14.56
CA PRO A 64 -11.87 -11.21 13.42
C PRO A 64 -12.95 -10.44 12.66
N THR A 65 -14.19 -10.95 12.65
CA THR A 65 -15.21 -10.35 11.79
C THR A 65 -15.65 -9.02 12.39
N LEU A 66 -15.26 -8.78 13.63
CA LEU A 66 -15.66 -7.60 14.38
C LEU A 66 -14.61 -6.51 14.49
N VAL A 67 -13.39 -6.81 14.01
CA VAL A 67 -12.26 -5.88 14.17
C VAL A 67 -12.60 -4.50 13.64
N THR A 68 -13.07 -4.47 12.41
CA THR A 68 -13.37 -3.22 11.70
C THR A 68 -14.40 -2.37 12.42
N THR A 69 -15.36 -3.05 13.00
CA THR A 69 -16.44 -2.39 13.69
C THR A 69 -15.95 -1.80 15.04
N PHE A 70 -15.19 -2.62 15.83
CA PHE A 70 -14.54 -2.13 17.10
C PHE A 70 -13.54 -1.05 16.78
N1 GYS A 71 -12.77 -1.19 15.70
OG1 GYS A 71 -9.25 -0.04 15.34
CB1 GYS A 71 -10.31 -0.92 15.68
CA1 GYS A 71 -11.68 -0.28 15.40
C1 GYS A 71 -11.85 0.12 13.97
N2 GYS A 71 -11.13 -0.40 12.98
N3 GYS A 71 -12.74 1.05 13.52
C2 GYS A 71 -12.64 1.12 12.17
O2 GYS A 71 -13.34 1.88 11.51
CA2 GYS A 71 -11.57 0.19 11.82
CA3 GYS A 71 -13.76 1.76 14.31
CB2 GYS A 71 -11.14 0.04 10.54
CG2 GYS A 71 -10.21 -0.95 9.93
CD1 GYS A 71 -9.44 -1.90 10.67
CD2 GYS A 71 -10.28 -1.15 8.55
CE1 GYS A 71 -8.68 -2.90 10.04
CE2 GYS A 71 -9.50 -2.12 7.93
CZ GYS A 71 -8.73 -3.00 8.66
OH GYS A 71 -8.01 -3.89 7.93
C3 GYS A 71 -13.45 3.14 14.78
O3 GYS A 71 -14.31 3.90 15.12
N VAL A 72 -12.22 3.33 15.08
CA VAL A 72 -11.78 4.60 15.70
C VAL A 72 -10.69 5.16 14.81
N GLN A 73 -11.06 5.51 13.61
CA GLN A 73 -10.10 5.95 12.58
C GLN A 73 -9.62 7.40 12.79
N CYS A 74 -10.18 8.10 13.76
CA CYS A 74 -9.57 9.34 14.25
C CYS A 74 -8.12 9.15 14.74
N PHE A 75 -7.72 7.90 14.97
CA PHE A 75 -6.35 7.56 15.36
C PHE A 75 -5.36 7.23 14.25
N SER A 76 -5.73 7.38 12.98
CA SER A 76 -4.80 7.20 11.87
C SER A 76 -3.69 8.22 11.92
N ARG A 77 -2.54 7.86 11.36
CA ARG A 77 -1.44 8.74 11.24
C ARG A 77 -1.56 9.36 9.90
N TYR A 78 -1.93 10.63 9.88
CA TYR A 78 -1.87 11.40 8.69
C TYR A 78 -0.52 12.08 8.69
N PRO A 79 0.33 11.74 7.74
CA PRO A 79 1.58 12.47 7.60
C PRO A 79 1.34 13.97 7.37
N ASP A 80 2.28 14.82 7.80
CA ASP A 80 2.10 16.29 7.78
C ASP A 80 1.56 16.87 6.49
N HIS A 81 2.07 16.40 5.35
CA HIS A 81 1.63 16.89 4.01
C HIS A 81 0.19 16.60 3.58
N MET A 82 -0.52 15.79 4.32
CA MET A 82 -1.92 15.38 4.04
C MET A 82 -2.85 15.75 5.19
N LYS A 83 -2.33 16.41 6.22
CA LYS A 83 -3.13 16.60 7.43
C LYS A 83 -4.41 17.41 7.19
N ARG A 84 -4.45 18.20 6.12
CA ARG A 84 -5.70 18.91 5.77
C ARG A 84 -6.84 17.99 5.36
N HIS A 85 -6.59 16.70 5.15
CA HIS A 85 -7.59 15.72 4.74
C HIS A 85 -8.08 14.80 5.86
N ASP A 86 -7.71 15.12 7.11
CA ASP A 86 -8.08 14.26 8.24
C ASP A 86 -9.44 14.71 8.71
N PHE A 87 -10.48 14.12 8.14
CA PHE A 87 -11.86 14.43 8.54
C PHE A 87 -12.16 13.97 9.96
N PHE A 88 -11.74 12.73 10.27
CA PHE A 88 -12.09 12.03 11.50
C PHE A 88 -11.68 12.87 12.71
N LYS A 89 -10.43 13.33 12.73
CA LYS A 89 -10.03 14.20 13.82
C LYS A 89 -10.75 15.54 13.81
N SER A 90 -11.02 16.10 12.64
CA SER A 90 -11.67 17.44 12.58
C SER A 90 -13.09 17.47 13.20
N ALA A 91 -13.78 16.34 13.19
CA ALA A 91 -15.08 16.22 13.86
C ALA A 91 -15.02 16.13 15.40
N MET A 92 -13.83 16.16 16.01
CA MET A 92 -13.70 16.03 17.46
C MET A 92 -13.64 17.39 18.16
N PRO A 93 -14.20 17.49 19.37
CA PRO A 93 -14.69 16.35 20.21
C PRO A 93 -16.14 15.86 20.03
N GLU A 94 -17.03 16.66 19.43
CA GLU A 94 -18.45 16.26 19.29
C GLU A 94 -18.62 14.87 18.67
N GLY A 95 -17.81 14.56 17.66
CA GLY A 95 -17.65 13.21 17.19
C GLY A 95 -18.29 13.06 15.85
N TYR A 96 -18.47 11.80 15.45
CA TYR A 96 -19.11 11.48 14.19
C TYR A 96 -19.88 10.17 14.31
N VAL A 97 -20.86 10.01 13.41
CA VAL A 97 -21.63 8.80 13.35
C VAL A 97 -21.00 7.99 12.25
N GLN A 98 -20.77 6.71 12.52
CA GLN A 98 -20.15 5.85 11.57
C GLN A 98 -21.06 4.68 11.42
N GLU A 99 -21.52 4.47 10.19
CA GLU A 99 -22.49 3.41 9.84
C GLU A 99 -21.88 2.60 8.74
N ARG A 100 -22.26 1.34 8.68
CA ARG A 100 -21.73 0.42 7.71
C ARG A 100 -22.67 -0.73 7.48
N THR A 101 -22.61 -1.24 6.27
CA THR A 101 -23.16 -2.53 5.97
C THR A 101 -21.93 -3.29 5.62
N ILE A 102 -21.84 -4.58 6.00
CA ILE A 102 -20.70 -5.42 5.68
C ILE A 102 -21.17 -6.75 5.10
N PHE A 103 -20.97 -6.90 3.81
CA PHE A 103 -21.47 -8.06 3.10
C PHE A 103 -20.44 -9.16 3.12
N PHE A 104 -20.75 -10.24 3.79
CA PHE A 104 -19.88 -11.41 3.73
C PHE A 104 -20.39 -12.13 2.53
N LYS A 105 -19.49 -12.50 1.64
CA LYS A 105 -19.89 -13.08 0.35
C LYS A 105 -20.35 -14.48 0.65
N ASP A 106 -21.44 -14.91 -0.01
CA ASP A 106 -22.09 -16.22 0.19
C ASP A 106 -22.60 -16.40 1.61
N ASP A 107 -22.96 -15.29 2.25
CA ASP A 107 -23.37 -15.30 3.65
C ASP A 107 -24.04 -14.02 4.04
N GLY A 108 -24.34 -13.84 5.32
CA GLY A 108 -25.18 -12.70 5.76
C GLY A 108 -24.47 -11.37 5.75
N ASN A 109 -25.11 -10.32 6.21
CA ASN A 109 -24.46 -9.03 6.37
C ASN A 109 -24.60 -8.48 7.79
N TYR A 110 -23.63 -7.66 8.21
CA TYR A 110 -23.72 -6.91 9.47
C TYR A 110 -24.15 -5.56 9.05
N LYS A 111 -24.93 -4.90 9.87
CA LYS A 111 -25.25 -3.49 9.73
C LYS A 111 -24.91 -2.91 11.08
N THR A 112 -24.21 -1.79 11.07
CA THR A 112 -23.65 -1.25 12.27
C THR A 112 -23.89 0.25 12.25
N ARG A 113 -24.24 0.78 13.41
CA ARG A 113 -24.32 2.19 13.66
C ARG A 113 -23.47 2.46 14.91
N ALA A 114 -22.65 3.50 14.86
CA ALA A 114 -21.80 3.87 15.96
C ALA A 114 -21.65 5.39 16.14
N GLU A 115 -21.59 5.82 17.41
CA GLU A 115 -21.09 7.16 17.70
C GLU A 115 -19.63 7.06 18.22
N VAL A 116 -18.77 7.88 17.63
CA VAL A 116 -17.37 7.96 18.02
C VAL A 116 -17.15 9.39 18.45
N LYS A 117 -16.87 9.60 19.73
CA LYS A 117 -16.79 10.95 20.31
C LYS A 117 -16.08 10.95 21.66
N PHE A 118 -15.61 12.13 22.07
CA PHE A 118 -15.03 12.26 23.38
C PHE A 118 -16.16 12.31 24.39
N GLU A 119 -16.07 11.41 25.39
CA GLU A 119 -16.88 11.45 26.61
C GLU A 119 -15.82 11.69 27.69
N GLY A 120 -15.67 12.96 28.05
CA GLY A 120 -14.59 13.36 28.92
C GLY A 120 -13.30 13.44 28.13
N ASP A 121 -12.24 12.88 28.71
CA ASP A 121 -10.94 12.87 28.03
CA ASP A 121 -10.87 12.77 28.19
C ASP A 121 -10.67 11.50 27.37
N THR A 122 -11.67 10.62 27.42
CA THR A 122 -11.68 9.34 26.73
C THR A 122 -12.44 9.41 25.39
N LEU A 123 -11.91 8.69 24.40
CA LEU A 123 -12.55 8.54 23.09
C LEU A 123 -13.38 7.28 23.16
N VAL A 124 -14.68 7.42 22.90
CA VAL A 124 -15.62 6.31 23.06
C VAL A 124 -16.25 5.98 21.71
N ASN A 125 -16.33 4.68 21.42
CA ASN A 125 -16.97 4.10 20.27
C ASN A 125 -18.11 3.21 20.79
N ARG A 126 -19.35 3.66 20.60
CA ARG A 126 -20.56 2.91 21.03
C ARG A 126 -21.27 2.45 19.79
N ILE A 127 -21.52 1.15 19.71
CA ILE A 127 -21.96 0.51 18.52
C ILE A 127 -23.18 -0.39 18.74
N GLU A 128 -24.16 -0.28 17.84
CA GLU A 128 -25.25 -1.26 17.70
C GLU A 128 -24.94 -2.10 16.46
N LEU A 129 -25.07 -3.43 16.56
CA LEU A 129 -24.81 -4.33 15.44
C LEU A 129 -25.96 -5.29 15.28
N LYS A 130 -26.55 -5.30 14.07
CA LYS A 130 -27.57 -6.26 13.68
C LYS A 130 -27.02 -7.07 12.50
N GLY A 131 -27.01 -8.40 12.62
CA GLY A 131 -26.67 -9.30 11.53
C GLY A 131 -27.83 -10.23 11.13
N ILE A 132 -28.02 -10.46 9.83
CA ILE A 132 -29.14 -11.29 9.34
C ILE A 132 -28.73 -12.19 8.21
N ASP A 133 -29.57 -13.17 7.94
CA ASP A 133 -29.46 -14.06 6.78
C ASP A 133 -28.16 -14.84 6.73
N PHE A 134 -27.51 -14.99 7.90
CA PHE A 134 -26.27 -15.78 8.00
C PHE A 134 -26.61 -17.24 7.95
N LYS A 135 -25.76 -18.05 7.39
CA LYS A 135 -26.00 -19.47 7.30
C LYS A 135 -25.42 -20.17 8.51
N ASP A 136 -26.13 -21.16 9.05
CA ASP A 136 -25.68 -21.87 10.29
C ASP A 136 -24.40 -22.70 10.11
N ASP A 137 -24.25 -23.35 8.96
CA ASP A 137 -23.00 -24.01 8.51
C ASP A 137 -22.03 -23.04 7.76
N GLY A 138 -22.29 -21.73 7.76
CA GLY A 138 -21.38 -20.75 7.15
C GLY A 138 -20.07 -20.53 7.91
N ASN A 139 -19.20 -19.67 7.38
CA ASN A 139 -17.90 -19.45 8.01
C ASN A 139 -18.03 -18.54 9.27
N ILE A 140 -19.05 -17.69 9.34
CA ILE A 140 -19.26 -16.80 10.48
C ILE A 140 -19.91 -17.65 11.61
N LEU A 141 -21.20 -17.99 11.50
CA LEU A 141 -21.88 -18.79 12.56
C LEU A 141 -21.27 -20.17 12.79
N GLY A 142 -20.58 -20.71 11.79
CA GLY A 142 -19.84 -21.96 12.00
C GLY A 142 -18.41 -21.86 12.50
N HIS A 143 -17.93 -20.64 12.82
CA HIS A 143 -16.54 -20.42 13.39
C HIS A 143 -15.38 -21.07 12.63
N LYS A 144 -15.27 -20.82 11.34
CA LYS A 144 -14.25 -21.43 10.49
C LYS A 144 -13.13 -20.46 10.04
N LEU A 145 -13.09 -19.24 10.60
CA LEU A 145 -12.13 -18.24 10.22
C LEU A 145 -10.90 -18.32 11.11
N GLU A 146 -9.71 -18.22 10.49
CA GLU A 146 -8.45 -18.23 11.24
C GLU A 146 -8.45 -17.03 12.19
N TYR A 147 -7.72 -17.16 13.28
CA TYR A 147 -7.55 -16.06 14.23
C TYR A 147 -6.32 -15.26 13.77
N ASN A 148 -6.53 -14.39 12.79
CA ASN A 148 -5.47 -13.55 12.22
C ASN A 148 -6.14 -12.50 11.38
N TYR A 149 -5.32 -11.66 10.76
CA TYR A 149 -5.81 -10.49 10.08
C TYR A 149 -4.84 -9.99 9.02
N ASN A 150 -5.37 -9.68 7.85
CA ASN A 150 -4.61 -9.12 6.76
C ASN A 150 -4.56 -7.58 6.88
N GLU A 151 -3.70 -6.98 6.06
CA GLU A 151 -3.64 -5.55 5.85
C GLU A 151 -4.59 -5.20 4.71
N HIS A 152 -5.10 -3.96 4.72
CA HIS A 152 -6.04 -3.49 3.71
C HIS A 152 -5.87 -2.04 3.44
N LEU A 153 -6.37 -1.61 2.29
CA LEU A 153 -6.44 -0.19 1.98
C LEU A 153 -7.89 0.19 2.15
N VAL A 154 -8.15 1.24 2.93
CA VAL A 154 -9.47 1.79 3.13
C VAL A 154 -9.61 3.04 2.28
N TYR A 155 -10.29 2.91 1.16
CA TYR A 155 -10.46 3.99 0.17
C TYR A 155 -11.52 5.00 0.64
N ILE A 156 -11.12 6.24 0.82
CA ILE A 156 -11.98 7.24 1.40
C ILE A 156 -12.29 8.34 0.39
N MET A 157 -13.55 8.72 0.27
CA MET A 157 -13.99 9.81 -0.58
C MET A 157 -14.87 10.76 0.22
N ALA A 158 -14.86 12.03 -0.11
CA ALA A 158 -15.75 12.96 0.57
C ALA A 158 -17.18 12.70 0.16
N ASP A 159 -18.11 13.13 1.00
CA ASP A 159 -19.55 13.10 0.70
C ASP A 159 -20.13 14.49 1.07
N LYS A 160 -20.10 15.43 0.13
CA LYS A 160 -20.48 16.84 0.41
C LYS A 160 -21.90 16.92 1.05
N GLN A 161 -22.88 16.32 0.38
CA GLN A 161 -24.26 16.18 0.89
C GLN A 161 -24.40 15.84 2.44
N LYS A 162 -23.98 14.66 2.91
CA LYS A 162 -23.93 14.41 4.38
C LYS A 162 -22.80 15.19 5.17
N ASN A 163 -21.93 15.97 4.48
CA ASN A 163 -20.85 16.82 5.07
C ASN A 163 -19.88 15.96 5.84
N GLY A 164 -19.48 14.85 5.25
CA GLY A 164 -18.55 13.92 5.88
C GLY A 164 -17.86 13.05 4.85
N THR A 165 -17.76 11.74 5.12
CA THR A 165 -17.09 10.84 4.19
C THR A 165 -17.75 9.51 3.92
N LYS A 166 -17.33 8.90 2.82
CA LYS A 166 -17.68 7.56 2.43
C LYS A 166 -16.38 6.75 2.44
N ALA A 167 -16.50 5.43 2.52
CA ALA A 167 -15.40 4.54 2.25
C ALA A 167 -15.89 3.20 1.80
N ILE A 168 -15.10 2.56 0.95
CA ILE A 168 -15.42 1.24 0.45
C ILE A 168 -14.14 0.44 0.52
N PHE A 169 -14.20 -0.77 1.07
CA PHE A 169 -13.03 -1.67 1.05
C PHE A 169 -13.40 -3.10 1.28
N GLN A 170 -12.53 -4.01 0.91
CA GLN A 170 -12.82 -5.42 0.96
C GLN A 170 -11.84 -6.11 1.86
N VAL A 171 -12.34 -6.72 2.94
CA VAL A 171 -11.52 -7.40 3.90
C VAL A 171 -11.45 -8.86 3.54
N HIS A 172 -10.28 -9.42 3.79
CA HIS A 172 -9.99 -10.80 3.57
C HIS A 172 -9.85 -11.50 4.93
N HIS A 173 -10.82 -12.30 5.27
CA HIS A 173 -10.73 -13.14 6.45
C HIS A 173 -10.27 -14.47 5.94
N ASN A 174 -9.08 -14.88 6.32
CA ASN A 174 -8.58 -16.21 5.95
C ASN A 174 -9.43 -17.23 6.60
N ILE A 175 -9.78 -18.24 5.81
CA ILE A 175 -10.60 -19.37 6.25
C ILE A 175 -9.66 -20.46 6.76
N GLU A 176 -10.06 -21.14 7.84
CA GLU A 176 -9.33 -22.32 8.39
C GLU A 176 -9.28 -23.40 7.32
N ASP A 177 -8.11 -23.95 7.08
CA ASP A 177 -7.87 -25.00 6.06
C ASP A 177 -7.71 -24.51 4.60
N GLY A 178 -7.79 -23.19 4.39
CA GLY A 178 -7.53 -22.57 3.10
C GLY A 178 -8.73 -21.83 2.51
N GLY A 179 -8.42 -20.89 1.64
CA GLY A 179 -9.40 -20.06 0.97
C GLY A 179 -9.63 -18.81 1.77
N VAL A 180 -10.49 -17.94 1.25
CA VAL A 180 -10.70 -16.65 1.84
C VAL A 180 -12.19 -16.36 1.86
N GLN A 181 -12.62 -15.68 2.92
CA GLN A 181 -13.96 -15.23 3.09
C GLN A 181 -13.91 -13.74 3.00
N LEU A 182 -14.60 -13.16 2.04
CA LEU A 182 -14.47 -11.74 1.75
C LEU A 182 -15.50 -10.99 2.50
N ALA A 183 -15.22 -9.74 2.85
CA ALA A 183 -16.16 -8.91 3.58
C ALA A 183 -16.18 -7.49 3.05
N ASP A 184 -17.16 -7.18 2.19
CA ASP A 184 -17.17 -5.93 1.51
C ASP A 184 -17.79 -4.95 2.46
N HIS A 185 -17.06 -3.88 2.73
CA HIS A 185 -17.49 -2.85 3.65
C HIS A 185 -17.98 -1.64 2.90
N TYR A 186 -19.19 -1.17 3.17
CA TYR A 186 -19.62 0.16 2.74
C TYR A 186 -19.82 0.98 3.95
N GLN A 187 -19.29 2.21 3.94
CA GLN A 187 -19.10 2.98 5.16
C GLN A 187 -19.46 4.42 4.96
N GLN A 188 -20.08 5.01 5.97
CA GLN A 188 -20.54 6.37 5.95
C GLN A 188 -20.14 7.02 7.26
N ASN A 189 -19.62 8.24 7.23
CA ASN A 189 -19.20 8.91 8.44
C ASN A 189 -19.76 10.28 8.33
N THR A 190 -20.57 10.63 9.33
CA THR A 190 -21.29 11.90 9.37
C THR A 190 -20.97 12.56 10.69
N PRO A 191 -20.66 13.88 10.70
CA PRO A 191 -20.48 14.65 11.91
C PRO A 191 -21.73 14.63 12.79
N ILE A 192 -21.49 14.68 14.09
CA ILE A 192 -22.57 14.77 15.08
C ILE A 192 -22.92 16.26 15.18
N GLY A 193 -21.92 17.11 15.33
CA GLY A 193 -22.14 18.54 15.45
C GLY A 193 -22.32 19.29 14.13
N ASP A 194 -22.27 20.62 14.23
CA ASP A 194 -22.48 21.53 13.13
C ASP A 194 -21.26 22.43 12.90
N GLY A 195 -20.19 22.26 13.68
CA GLY A 195 -18.96 23.01 13.48
C GLY A 195 -18.17 22.73 12.15
N PRO A 196 -17.24 23.63 11.80
CA PRO A 196 -16.44 23.39 10.58
C PRO A 196 -15.71 22.04 10.66
N VAL A 197 -15.73 21.29 9.57
CA VAL A 197 -14.95 20.06 9.41
C VAL A 197 -14.10 20.14 8.14
N LEU A 198 -13.20 19.18 7.98
CA LEU A 198 -12.31 19.09 6.82
C LEU A 198 -12.85 18.02 5.92
N LEU A 199 -13.13 18.41 4.69
CA LEU A 199 -13.61 17.49 3.70
C LEU A 199 -12.41 17.06 2.84
N PRO A 200 -12.13 15.76 2.81
CA PRO A 200 -10.95 15.29 2.15
C PRO A 200 -11.07 15.12 0.65
N ASP A 201 -9.94 15.18 -0.05
CA ASP A 201 -9.75 14.56 -1.38
C ASP A 201 -9.58 13.08 -1.23
N ASN A 202 -9.85 12.38 -2.31
CA ASN A 202 -9.69 10.95 -2.30
C ASN A 202 -8.31 10.58 -1.85
N HIS A 203 -8.28 9.61 -0.93
CA HIS A 203 -7.08 9.03 -0.40
C HIS A 203 -7.44 7.71 0.26
N TYR A 204 -6.46 7.08 0.86
CA TYR A 204 -6.68 5.81 1.57
C TYR A 204 -5.94 5.72 2.94
N LEU A 205 -6.31 4.70 3.71
CA LEU A 205 -5.67 4.41 4.98
C LEU A 205 -5.14 2.99 4.90
N HIS A 206 -3.86 2.87 5.23
CA HIS A 206 -3.17 1.60 5.13
C HIS A 206 -3.18 1.04 6.52
N THR A 207 -3.85 -0.07 6.74
CA THR A 207 -3.96 -0.58 8.06
C THR A 207 -3.40 -1.97 8.18
N GLN A 208 -2.77 -2.17 9.34
CA GLN A 208 -2.20 -3.43 9.77
C GLN A 208 -2.79 -3.71 11.11
N SER A 209 -3.05 -5.00 11.36
CA SER A 209 -3.70 -5.46 12.58
C SER A 209 -3.15 -6.84 12.96
N ALA A 210 -2.98 -7.05 14.26
CA ALA A 210 -2.51 -8.32 14.75
C ALA A 210 -3.30 -8.69 15.94
N LEU A 211 -3.71 -9.95 15.99
CA LEU A 211 -4.60 -10.44 17.02
C LEU A 211 -3.81 -11.37 17.92
N SER A 212 -4.10 -11.27 19.22
CA SER A 212 -3.50 -12.15 20.22
C SER A 212 -4.52 -12.51 21.33
N LYS A 213 -4.06 -13.38 22.23
CA LYS A 213 -4.74 -13.73 23.48
C LYS A 213 -3.86 -13.36 24.68
N ASP A 214 -4.48 -12.67 25.63
CA ASP A 214 -4.04 -12.59 27.03
C ASP A 214 -4.12 -13.97 27.74
N PRO A 215 -2.96 -14.57 28.09
CA PRO A 215 -2.98 -15.91 28.73
C PRO A 215 -3.50 -15.93 30.17
N ASN A 216 -3.64 -14.76 30.81
CA ASN A 216 -4.32 -14.62 32.14
C ASN A 216 -5.78 -14.15 32.07
N GLU A 217 -6.51 -14.54 31.02
CA GLU A 217 -7.87 -14.05 30.79
C GLU A 217 -8.73 -15.27 30.48
N LYS A 218 -9.63 -15.53 31.40
CA LYS A 218 -10.41 -16.75 31.43
C LYS A 218 -11.55 -16.55 30.42
N ARG A 219 -12.02 -15.31 30.26
CA ARG A 219 -13.13 -15.02 29.35
C ARG A 219 -12.77 -15.11 27.86
N ASP A 220 -13.84 -15.07 27.03
CA ASP A 220 -13.74 -14.94 25.58
C ASP A 220 -13.38 -13.51 25.22
N HIS A 221 -12.25 -13.35 24.53
CA HIS A 221 -11.67 -12.02 24.33
C HIS A 221 -10.73 -11.95 23.12
N MET A 222 -10.38 -10.72 22.77
CA MET A 222 -9.41 -10.45 21.72
C MET A 222 -8.52 -9.30 22.13
N VAL A 223 -7.19 -9.52 22.04
CA VAL A 223 -6.23 -8.42 22.14
C VAL A 223 -5.87 -7.99 20.74
N LEU A 224 -5.98 -6.70 20.48
CA LEU A 224 -5.74 -6.12 19.19
C LEU A 224 -4.64 -5.10 19.26
N LEU A 225 -3.73 -5.22 18.30
CA LEU A 225 -2.68 -4.26 18.00
C LEU A 225 -2.83 -3.88 16.56
N GLU A 226 -2.85 -2.57 16.29
CA GLU A 226 -3.13 -2.10 14.97
C GLU A 226 -2.35 -0.78 14.68
N PHE A 227 -1.80 -0.66 13.46
CA PHE A 227 -1.19 0.57 12.96
C PHE A 227 -1.87 1.01 11.67
N VAL A 228 -2.12 2.31 11.56
CA VAL A 228 -2.84 2.91 10.45
C VAL A 228 -2.15 4.18 9.97
N THR A 229 -1.76 4.18 8.70
CA THR A 229 -1.12 5.35 8.07
C THR A 229 -1.95 5.76 6.83
N ALA A 230 -2.19 7.07 6.70
CA ALA A 230 -2.88 7.61 5.55
C ALA A 230 -1.92 7.86 4.40
N ALA A 231 -2.39 7.60 3.20
CA ALA A 231 -1.59 7.86 2.01
C ALA A 231 -2.51 7.92 0.76
N GLY A 232 -1.90 7.97 -0.41
CA GLY A 232 -2.64 7.85 -1.66
C GLY A 232 -3.44 9.07 -2.00
N ILE A 233 -2.91 10.24 -1.62
CA ILE A 233 -3.55 11.56 -1.86
C ILE A 233 -3.27 12.09 -3.27
N THR A 234 -2.17 11.60 -3.84
CA THR A 234 -1.70 11.93 -5.16
C THR A 234 -1.93 10.73 -6.09
N HIS A 235 -2.22 11.05 -7.35
CA HIS A 235 -2.34 10.05 -8.43
C HIS A 235 -1.44 10.45 -9.63
N GLY A 236 -1.32 9.56 -10.60
CA GLY A 236 -0.49 9.80 -11.79
C GLY A 236 0.97 10.03 -11.48
N MET A 237 1.55 9.23 -10.59
CA MET A 237 2.93 9.48 -10.09
C MET A 237 3.99 8.94 -11.08
N ASP A 238 5.07 9.70 -11.29
CA ASP A 238 6.21 9.31 -12.21
C ASP A 238 7.19 8.39 -11.56
N GLU A 239 7.02 8.17 -10.27
CA GLU A 239 8.01 7.47 -9.44
C GLU A 239 7.24 6.78 -8.32
N LEU A 240 7.80 5.70 -7.77
CA LEU A 240 7.22 5.07 -6.56
C LEU A 240 6.97 6.09 -5.43
N TYR A 241 5.79 6.02 -4.81
CA TYR A 241 5.44 6.78 -3.59
C TYR A 241 6.51 6.49 -2.56
N LYS A 242 7.11 7.54 -2.03
CA LYS A 242 7.99 7.39 -0.89
C LYS A 242 7.53 8.47 0.07
N GLU A 243 6.74 8.06 1.06
CA GLU A 243 6.15 9.01 2.02
C GLU A 243 7.15 10.06 2.53
N PHE A 244 8.36 9.62 2.84
CA PHE A 244 9.35 10.47 3.47
C PHE A 244 9.94 11.46 2.48
N GLU A 245 10.10 11.07 1.22
CA GLU A 245 10.45 12.01 0.17
C GLU A 245 9.40 13.10 -0.01
N ILE A 246 8.12 12.72 -0.03
CA ILE A 246 7.04 13.71 -0.13
C ILE A 246 6.98 14.62 1.11
N ASN A 247 7.18 14.05 2.30
CA ASN A 247 7.26 14.84 3.52
C ASN A 247 8.39 15.81 3.59
N LEU A 248 9.54 15.41 3.05
CA LEU A 248 10.70 16.24 3.10
C LEU A 248 10.46 17.43 2.18
N ASP A 249 9.98 17.21 0.94
CA ASP A 249 9.59 18.32 0.04
C ASP A 249 8.65 19.27 0.79
N TYR A 250 7.50 18.77 1.26
CA TYR A 250 6.59 19.58 2.06
C TYR A 250 7.31 20.43 3.12
N ILE A 251 8.20 19.82 3.90
CA ILE A 251 8.87 20.52 5.00
C ILE A 251 9.72 21.66 4.48
N LEU A 252 10.45 21.39 3.42
CA LEU A 252 11.18 22.42 2.72
C LEU A 252 10.24 23.49 2.23
N GLY A 253 9.03 23.10 1.78
CA GLY A 253 7.95 24.05 1.46
C GLY A 253 7.72 25.08 2.56
N LEU A 254 7.61 24.62 3.79
CA LEU A 254 7.49 25.52 4.93
C LEU A 254 8.68 26.49 5.12
N ILE A 255 9.85 26.15 4.58
CA ILE A 255 11.04 27.01 4.64
C ILE A 255 10.89 28.24 3.71
N PHE A 256 10.37 28.07 2.49
CA PHE A 256 10.12 29.25 1.61
C PHE A 256 9.09 30.17 2.24
N GLU A 257 7.99 29.60 2.71
CA GLU A 257 6.88 30.38 3.30
C GLU A 257 7.10 30.87 4.76
N HIS A 258 8.20 30.48 5.45
CA HIS A 258 8.62 31.16 6.72
C HIS A 258 9.57 32.33 6.35
N ASN A 259 8.98 33.45 5.95
CA ASN A 259 9.69 34.75 5.77
C ASN A 259 9.05 35.86 6.68
N ARG A 260 9.78 36.56 7.55
CA ARG A 260 11.24 36.43 7.82
C ARG A 260 11.51 36.07 9.30
N GLY A 266 16.96 32.00 12.70
CA GLY A 266 17.15 31.24 13.93
C GLY A 266 15.93 30.46 14.42
N GLU A 267 14.73 31.04 14.27
CA GLU A 267 13.46 30.35 14.52
C GLU A 267 13.10 29.34 13.40
N MET A 268 13.73 29.47 12.22
CA MET A 268 13.61 28.45 11.14
C MET A 268 14.28 27.14 11.58
N ILE A 269 15.47 27.22 12.18
CA ILE A 269 16.17 26.06 12.74
C ILE A 269 15.40 25.33 13.88
N GLU A 270 14.56 26.04 14.66
CA GLU A 270 13.68 25.40 15.68
C GLU A 270 12.38 24.79 15.09
N GLU A 271 11.89 25.33 13.99
CA GLU A 271 10.70 24.74 13.32
C GLU A 271 11.01 23.50 12.43
N VAL A 272 12.19 23.50 11.78
CA VAL A 272 12.66 22.32 11.03
C VAL A 272 12.84 21.18 12.03
N LYS A 273 13.66 21.43 13.06
CA LYS A 273 13.85 20.49 14.16
C LYS A 273 12.51 19.92 14.65
N ARG A 274 11.53 20.80 14.89
CA ARG A 274 10.26 20.43 15.53
C ARG A 274 9.42 19.54 14.63
N LEU A 275 9.25 19.98 13.37
CA LEU A 275 8.46 19.23 12.38
C LEU A 275 9.17 17.90 12.00
N ILE A 276 10.49 17.95 11.78
CA ILE A 276 11.28 16.71 11.53
C ILE A 276 11.18 15.70 12.67
N ARG A 277 11.09 16.16 13.91
CA ARG A 277 11.05 15.24 15.06
C ARG A 277 9.72 14.55 15.38
N SER A 278 8.57 15.21 15.15
CA SER A 278 7.25 14.57 15.37
C SER A 278 6.72 13.85 14.10
N SER A 279 7.29 14.21 12.95
CA SER A 279 7.23 13.36 11.75
C SER A 279 8.05 12.09 12.01
N LEU A 280 7.75 11.06 11.23
CA LEU A 280 8.49 9.83 11.24
C LEU A 280 9.26 9.76 9.94
N GLY A 281 10.41 9.10 9.93
CA GLY A 281 11.07 8.68 8.69
C GLY A 281 12.23 9.52 8.15
N ASN A 282 12.28 10.81 8.54
CA ASN A 282 13.34 11.73 8.13
C ASN A 282 14.12 12.22 9.35
N ARG A 283 14.01 11.52 10.48
CA ARG A 283 14.69 11.96 11.69
C ARG A 283 16.19 12.07 11.46
N ALA A 284 16.75 11.17 10.65
CA ALA A 284 18.20 11.14 10.37
C ALA A 284 18.67 12.22 9.42
N LYS A 285 17.76 13.06 8.92
CA LYS A 285 18.10 14.14 8.01
C LYS A 285 18.07 15.50 8.69
N GLU A 286 17.80 15.55 10.00
CA GLU A 286 17.70 16.81 10.72
C GLU A 286 18.97 17.64 10.52
N GLY A 287 20.12 17.08 10.90
CA GLY A 287 21.41 17.77 10.73
C GLY A 287 21.65 18.23 9.31
N LEU A 288 21.22 17.46 8.34
CA LEU A 288 21.39 17.86 6.96
C LEU A 288 20.59 19.10 6.60
N VAL A 289 19.34 19.14 7.01
CA VAL A 289 18.46 20.30 6.75
C VAL A 289 18.89 21.54 7.55
N VAL A 290 19.26 21.34 8.81
CA VAL A 290 19.69 22.43 9.68
C VAL A 290 20.93 23.08 9.08
N ASP A 291 21.88 22.26 8.63
CA ASP A 291 23.07 22.77 7.91
C ASP A 291 22.64 23.64 6.75
N PHE A 292 21.68 23.15 5.98
CA PHE A 292 21.25 23.86 4.78
C PHE A 292 20.70 25.25 5.07
N ILE A 293 19.90 25.36 6.13
CA ILE A 293 19.38 26.67 6.58
C ILE A 293 20.51 27.62 7.01
N GLN A 294 21.38 27.17 7.90
CA GLN A 294 22.49 27.99 8.41
C GLN A 294 23.57 28.34 7.38
N GLN A 295 23.49 27.84 6.13
CA GLN A 295 24.58 27.97 5.16
C GLN A 295 24.11 28.51 3.79
N THR A 296 22.88 29.03 3.69
CA THR A 296 22.36 29.64 2.44
C THR A 296 21.50 30.87 2.77
N ASN A 297 21.72 31.97 2.05
CA ASN A 297 20.83 33.15 2.15
C ASN A 297 19.50 32.75 1.50
N LEU A 298 18.52 32.39 2.35
CA LEU A 298 17.21 31.90 1.86
C LEU A 298 16.36 33.00 1.16
N ASP A 299 16.63 34.28 1.47
CA ASP A 299 15.99 35.42 0.76
C ASP A 299 16.41 35.52 -0.73
N ASP A 300 17.55 34.93 -1.12
CA ASP A 300 17.93 34.84 -2.54
C ASP A 300 17.00 33.91 -3.34
N LEU A 301 16.78 32.68 -2.86
CA LEU A 301 16.00 31.67 -3.63
C LEU A 301 14.52 32.10 -3.70
N PRO A 302 13.96 32.27 -4.92
CA PRO A 302 12.66 32.95 -5.13
C PRO A 302 11.37 32.23 -4.65
N ASP A 303 11.18 30.96 -5.01
CA ASP A 303 9.89 30.22 -4.84
C ASP A 303 10.00 28.91 -4.01
N LYS A 304 8.97 28.06 -4.06
CA LYS A 304 8.97 26.70 -3.43
C LYS A 304 9.81 25.66 -4.21
N ALA A 305 9.74 25.64 -5.54
CA ALA A 305 10.51 24.66 -6.35
C ALA A 305 12.03 24.89 -6.31
N SER A 306 12.47 26.13 -6.07
CA SER A 306 13.88 26.50 -6.15
C SER A 306 14.67 26.21 -4.87
N ILE A 307 14.01 26.30 -3.71
CA ILE A 307 14.66 25.96 -2.42
C ILE A 307 14.81 24.43 -2.28
N ILE A 308 13.85 23.67 -2.85
CA ILE A 308 13.93 22.21 -3.00
C ILE A 308 15.20 21.85 -3.81
N ASP A 309 15.34 22.41 -5.01
CA ASP A 309 16.55 22.24 -5.87
C ASP A 309 17.85 22.67 -5.16
N ALA A 310 17.78 23.73 -4.34
CA ALA A 310 18.94 24.21 -3.58
C ALA A 310 19.35 23.26 -2.46
N PHE A 311 18.38 22.60 -1.86
CA PHE A 311 18.69 21.63 -0.82
C PHE A 311 19.17 20.31 -1.44
N PHE A 312 18.56 19.81 -2.49
CA PHE A 312 19.09 18.59 -3.08
C PHE A 312 20.48 18.73 -3.71
N THR A 313 20.81 19.92 -4.21
CA THR A 313 22.17 20.14 -4.73
C THR A 313 23.19 20.07 -3.57
N PHE A 314 22.78 20.63 -2.42
CA PHE A 314 23.60 20.71 -1.21
C PHE A 314 23.68 19.43 -0.46
N ALA A 315 22.56 18.72 -0.39
CA ALA A 315 22.51 17.38 0.18
C ALA A 315 23.39 16.46 -0.65
N GLN A 316 23.39 16.64 -1.98
CA GLN A 316 24.25 15.86 -2.88
C GLN A 316 25.78 16.08 -2.73
N ARG A 317 26.19 17.31 -2.40
CA ARG A 317 27.62 17.65 -2.10
C ARG A 317 28.07 16.99 -0.77
N GLU A 318 27.24 17.13 0.26
CA GLU A 318 27.40 16.40 1.51
C GLU A 318 27.43 14.86 1.30
N GLN A 319 26.57 14.35 0.43
CA GLN A 319 26.55 12.94 0.10
C GLN A 319 27.93 12.47 -0.33
N GLN A 320 28.49 13.16 -1.32
CA GLN A 320 29.84 12.85 -1.86
C GLN A 320 30.95 13.02 -0.79
N ARG A 321 30.86 14.09 -0.02
CA ARG A 321 31.84 14.33 1.01
C ARG A 321 31.84 13.17 1.97
N GLU A 322 30.65 12.77 2.43
CA GLU A 322 30.57 11.72 3.45
C GLU A 322 30.92 10.36 2.89
N ALA A 323 30.59 10.09 1.65
CA ALA A 323 31.05 8.86 1.01
C ALA A 323 32.60 8.83 0.91
N GLU A 324 33.18 9.91 0.40
CA GLU A 324 34.64 10.03 0.28
C GLU A 324 35.28 9.85 1.68
N ALA A 325 34.65 10.42 2.70
CA ALA A 325 35.16 10.38 4.06
C ALA A 325 35.19 8.98 4.70
N LEU A 326 34.08 8.26 4.59
CA LEU A 326 33.96 6.88 5.07
C LEU A 326 34.92 5.94 4.36
N ILE A 327 35.08 6.16 3.07
CA ILE A 327 35.95 5.35 2.27
C ILE A 327 37.38 5.45 2.81
N LYS A 328 37.83 6.66 3.16
CA LYS A 328 39.18 6.84 3.75
C LYS A 328 39.28 6.38 5.20
N GLU A 329 38.30 6.70 6.02
CA GLU A 329 38.27 6.26 7.40
C GLU A 329 38.39 4.74 7.58
N GLU A 330 37.88 3.97 6.63
CA GLU A 330 37.93 2.49 6.72
C GLU A 330 38.80 1.87 5.63
N ASN A 331 39.48 2.74 4.86
CA ASN A 331 40.44 2.35 3.81
C ASN A 331 39.83 1.38 2.82
N LEU A 332 38.64 1.70 2.37
CA LEU A 332 37.94 0.81 1.45
C LEU A 332 38.60 0.86 0.06
N ASN A 333 38.57 -0.27 -0.62
CA ASN A 333 38.97 -0.30 -2.04
C ASN A 333 38.00 0.60 -2.80
N GLU A 334 38.49 1.69 -3.35
CA GLU A 334 37.63 2.79 -3.80
C GLU A 334 36.50 2.41 -4.79
N ASP A 335 36.84 1.70 -5.86
CA ASP A 335 35.88 1.34 -6.90
C ASP A 335 34.79 0.41 -6.36
N ALA A 336 35.19 -0.61 -5.61
CA ALA A 336 34.21 -1.54 -5.06
C ALA A 336 33.27 -0.83 -4.07
N ALA A 337 33.83 0.08 -3.31
CA ALA A 337 33.06 0.79 -2.34
C ALA A 337 32.08 1.68 -3.06
N LYS A 338 32.55 2.34 -4.12
CA LYS A 338 31.66 3.29 -4.79
C LYS A 338 30.51 2.52 -5.50
N ARG A 339 30.78 1.34 -6.09
CA ARG A 339 29.71 0.52 -6.66
C ARG A 339 28.70 0.10 -5.59
N TYR A 340 29.19 -0.52 -4.53
CA TYR A 340 28.36 -0.96 -3.39
C TYR A 340 27.52 0.15 -2.80
N ILE A 341 28.13 1.30 -2.55
CA ILE A 341 27.41 2.46 -2.02
C ILE A 341 26.34 2.96 -2.98
N ARG A 342 26.66 3.07 -4.27
CA ARG A 342 25.70 3.53 -5.29
C ARG A 342 24.46 2.65 -5.37
N THR A 343 24.71 1.34 -5.54
CA THR A 343 23.68 0.29 -5.51
C THR A 343 22.80 0.42 -4.28
N SER A 344 23.42 0.51 -3.11
CA SER A 344 22.66 0.67 -1.88
C SER A 344 21.81 1.94 -1.86
N LEU A 345 22.37 3.05 -2.34
CA LEU A 345 21.59 4.29 -2.43
C LEU A 345 20.38 4.10 -3.38
N LYS A 346 20.60 3.53 -4.58
CA LYS A 346 19.49 3.28 -5.54
C LYS A 346 18.42 2.33 -4.93
N ARG A 347 18.86 1.23 -4.30
CA ARG A 347 17.95 0.26 -3.68
C ARG A 347 17.42 0.74 -2.35
N GLU A 348 17.99 1.80 -1.78
CA GLU A 348 17.57 2.33 -0.45
C GLU A 348 17.81 1.40 0.75
N TYR A 349 18.65 0.39 0.58
CA TYR A 349 19.20 -0.36 1.71
C TYR A 349 20.53 -0.99 1.31
N ALA A 350 21.36 -1.32 2.31
CA ALA A 350 22.64 -2.00 2.05
C ALA A 350 22.53 -3.44 2.48
N THR A 351 23.17 -4.34 1.73
CA THR A 351 23.04 -5.75 2.03
C THR A 351 24.40 -6.39 2.32
N GLU A 352 24.44 -7.22 3.38
CA GLU A 352 25.57 -8.13 3.63
C GLU A 352 25.60 -9.31 2.64
N ASN A 353 24.52 -9.53 1.88
CA ASN A 353 24.45 -10.59 0.86
C ASN A 353 25.32 -10.27 -0.34
N GLY A 354 25.45 -11.30 -1.19
CA GLY A 354 26.30 -11.26 -2.35
C GLY A 354 27.75 -11.18 -1.90
N THR A 355 28.58 -10.66 -2.79
CA THR A 355 29.96 -10.38 -2.49
C THR A 355 30.26 -8.89 -2.65
N GLU A 356 29.28 -8.04 -2.90
CA GLU A 356 29.58 -6.62 -3.12
C GLU A 356 30.21 -5.97 -1.86
N LEU A 357 29.80 -6.40 -0.66
CA LEU A 357 30.36 -5.83 0.54
C LEU A 357 31.81 -6.24 0.77
N ASN A 358 32.06 -7.55 0.68
CA ASN A 358 33.41 -8.16 0.87
C ASN A 358 34.47 -7.58 -0.04
N GLU A 359 34.06 -7.15 -1.23
CA GLU A 359 34.95 -6.57 -2.23
C GLU A 359 35.51 -5.21 -1.81
N THR A 360 34.86 -4.56 -0.84
CA THR A 360 35.24 -3.25 -0.33
C THR A 360 36.32 -3.34 0.74
N LEU A 361 36.46 -4.53 1.32
CA LEU A 361 37.20 -4.71 2.55
C LEU A 361 38.68 -4.90 2.31
N PRO A 362 39.49 -4.02 2.93
CA PRO A 362 40.90 -4.12 2.81
C PRO A 362 41.49 -5.09 3.83
N LYS A 363 42.80 -5.28 3.70
CA LYS A 363 43.58 -6.10 4.63
C LYS A 363 43.83 -5.45 5.97
N LEU A 364 44.00 -4.14 5.96
CA LEU A 364 44.18 -3.37 7.20
C LEU A 364 43.45 -2.08 7.07
N SER A 365 43.12 -1.53 8.22
CA SER A 365 42.45 -0.23 8.28
C SER A 365 43.02 0.63 9.40
N PRO A 366 42.81 1.95 9.32
CA PRO A 366 43.37 2.82 10.35
C PRO A 366 42.91 2.58 11.79
N LEU A 367 41.64 2.22 11.92
CA LEU A 367 40.99 2.06 13.18
C LEU A 367 40.83 0.59 13.48
N ASN A 368 41.24 0.13 14.67
CA ASN A 368 40.90 -1.23 15.12
C ASN A 368 39.42 -1.18 15.43
N PRO A 369 38.61 -1.98 14.71
CA PRO A 369 37.34 -2.21 15.37
C PRO A 369 37.74 -3.08 16.56
N GLN A 370 37.45 -2.58 17.75
CA GLN A 370 37.75 -3.31 18.97
C GLN A 370 36.82 -4.54 19.00
N TYR A 371 35.52 -4.27 19.04
CA TYR A 371 34.57 -5.31 19.43
C TYR A 371 33.78 -6.00 18.32
N LYS A 372 34.00 -5.62 17.07
CA LYS A 372 33.34 -6.25 15.96
C LYS A 372 34.32 -6.59 14.87
N THR A 373 33.89 -7.42 13.94
CA THR A 373 34.71 -7.73 12.80
C THR A 373 34.82 -6.49 11.89
N LYS A 374 35.72 -6.61 10.91
CA LYS A 374 35.92 -5.57 9.93
C LYS A 374 34.67 -5.41 9.06
N LYS A 375 34.19 -6.54 8.57
CA LYS A 375 32.96 -6.57 7.80
C LYS A 375 31.86 -5.86 8.60
N GLN A 376 31.61 -6.30 9.84
CA GLN A 376 30.61 -5.66 10.68
C GLN A 376 30.80 -4.14 10.80
N ALA A 377 32.01 -3.65 10.96
CA ALA A 377 32.24 -2.22 11.18
C ALA A 377 31.96 -1.42 9.94
N VAL A 378 32.35 -1.97 8.80
CA VAL A 378 32.13 -1.29 7.56
C VAL A 378 30.65 -1.34 7.17
N PHE A 379 30.02 -2.51 7.31
CA PHE A 379 28.60 -2.60 7.08
C PHE A 379 27.82 -1.62 7.91
N GLN A 380 28.10 -1.61 9.19
CA GLN A 380 27.38 -0.78 10.16
C GLN A 380 27.56 0.74 9.88
N LYS A 381 28.72 1.16 9.41
CA LYS A 381 28.88 2.57 9.06
C LYS A 381 28.14 2.97 7.77
N ILE A 382 27.98 2.02 6.88
CA ILE A 382 27.32 2.26 5.58
C ILE A 382 25.81 2.27 5.75
N VAL A 383 25.26 1.43 6.62
CA VAL A 383 23.79 1.39 6.74
C VAL A 383 23.35 2.72 7.26
N SER A 384 24.17 3.27 8.14
CA SER A 384 23.95 4.58 8.74
C SER A 384 23.99 5.72 7.73
N PHE A 385 24.95 5.64 6.81
CA PHE A 385 25.06 6.55 5.66
C PHE A 385 23.88 6.48 4.69
N ILE A 386 23.49 5.26 4.33
CA ILE A 386 22.29 5.01 3.51
C ILE A 386 20.99 5.53 4.14
N GLU A 387 20.80 5.30 5.43
CA GLU A 387 19.66 5.87 6.12
C GLU A 387 19.61 7.38 5.96
N LYS A 388 20.76 8.03 6.09
CA LYS A 388 20.86 9.48 6.06
C LYS A 388 20.59 10.05 4.69
N PHE A 389 21.07 9.38 3.65
CA PHE A 389 21.03 9.94 2.31
C PHE A 389 20.06 9.25 1.34
N LYS A 390 19.29 8.27 1.82
CA LYS A 390 18.30 7.63 0.96
C LYS A 390 17.39 8.74 0.43
N GLY A 391 17.20 8.75 -0.89
CA GLY A 391 16.33 9.72 -1.53
C GLY A 391 16.98 10.99 -2.08
N VAL A 392 18.09 11.41 -1.51
CA VAL A 392 18.80 12.63 -1.93
C VAL A 392 19.07 12.66 -3.46
N GLY A 393 19.40 11.52 -4.06
CA GLY A 393 19.74 11.43 -5.48
C GLY A 393 21.21 11.70 -5.71
N GLY A 394 21.56 11.90 -6.98
CA GLY A 394 22.92 12.28 -7.40
C GLY A 394 23.91 11.15 -7.65
N LYS A 395 25.10 11.54 -8.12
CA LYS A 395 26.25 10.66 -8.36
C LYS A 395 27.19 10.70 -7.16
N ILE A 396 28.02 9.65 -7.02
CA ILE A 396 28.94 9.49 -5.86
C ILE A 396 30.42 9.66 -6.27
N HIS B 7 17.23 -18.97 -5.08
CA HIS B 7 15.96 -19.72 -4.74
C HIS B 7 15.30 -20.45 -5.93
N SER B 8 15.26 -19.78 -7.09
CA SER B 8 14.84 -20.36 -8.39
C SER B 8 15.85 -19.96 -9.47
N LYS B 9 16.01 -20.79 -10.52
CA LYS B 9 16.83 -20.42 -11.71
C LYS B 9 16.17 -19.31 -12.55
N GLY B 10 14.83 -19.21 -12.50
CA GLY B 10 14.12 -18.18 -13.23
C GLY B 10 14.46 -16.77 -12.77
N GLU B 11 14.69 -16.62 -11.46
CA GLU B 11 15.11 -15.36 -10.81
C GLU B 11 16.31 -14.71 -11.52
N GLU B 12 17.26 -15.52 -11.98
CA GLU B 12 18.49 -15.04 -12.65
C GLU B 12 18.21 -14.23 -13.95
N LEU B 13 17.10 -14.57 -14.61
CA LEU B 13 16.66 -13.91 -15.83
C LEU B 13 16.11 -12.53 -15.58
N PHE B 14 15.94 -12.10 -14.33
CA PHE B 14 15.27 -10.83 -14.05
C PHE B 14 16.14 -9.79 -13.37
N THR B 15 17.44 -10.06 -13.32
CA THR B 15 18.40 -9.15 -12.70
C THR B 15 18.57 -7.79 -13.40
N GLY B 16 18.20 -7.73 -14.69
CA GLY B 16 18.25 -6.49 -15.42
C GLY B 16 16.97 -6.09 -16.13
N VAL B 17 17.09 -5.04 -16.93
CA VAL B 17 16.05 -4.60 -17.82
C VAL B 17 15.74 -5.73 -18.82
N VAL B 18 14.48 -6.15 -18.85
CA VAL B 18 13.98 -7.17 -19.77
C VAL B 18 12.88 -6.55 -20.66
N PRO B 19 12.99 -6.68 -22.00
CA PRO B 19 11.97 -6.09 -22.86
C PRO B 19 10.71 -6.93 -22.83
N ILE B 20 9.59 -6.25 -23.07
CA ILE B 20 8.31 -6.85 -22.92
C ILE B 20 7.48 -6.60 -24.17
N LEU B 21 6.75 -7.65 -24.58
CA LEU B 21 5.68 -7.61 -25.57
C LEU B 21 4.36 -8.09 -24.97
N VAL B 22 3.29 -7.38 -25.31
CA VAL B 22 1.96 -7.67 -24.88
C VAL B 22 1.09 -7.71 -26.13
N GLU B 23 0.40 -8.83 -26.34
CA GLU B 23 -0.57 -8.94 -27.43
C GLU B 23 -1.88 -9.38 -26.80
N LEU B 24 -2.97 -8.67 -27.11
CA LEU B 24 -4.28 -9.06 -26.61
C LEU B 24 -5.34 -9.08 -27.72
N ASP B 25 -6.12 -10.17 -27.82
CA ASP B 25 -7.40 -10.20 -28.59
C ASP B 25 -8.62 -10.18 -27.66
N GLY B 26 -9.50 -9.21 -27.87
CA GLY B 26 -10.62 -8.93 -27.00
C GLY B 26 -11.94 -8.92 -27.71
N ASP B 27 -12.95 -9.49 -27.05
CA ASP B 27 -14.37 -9.57 -27.48
C ASP B 27 -15.29 -9.24 -26.29
N VAL B 28 -15.92 -8.08 -26.24
CA VAL B 28 -16.77 -7.72 -25.11
C VAL B 28 -18.13 -7.43 -25.69
N ASN B 29 -19.15 -8.23 -25.33
CA ASN B 29 -20.52 -8.05 -25.84
C ASN B 29 -20.55 -8.04 -27.38
N GLY B 30 -19.81 -8.98 -27.98
CA GLY B 30 -19.57 -9.00 -29.41
C GLY B 30 -18.75 -7.86 -30.05
N HIS B 31 -18.34 -6.85 -29.26
CA HIS B 31 -17.44 -5.80 -29.76
C HIS B 31 -15.95 -6.21 -29.69
N LYS B 32 -15.32 -6.44 -30.85
CA LYS B 32 -13.98 -7.03 -30.90
C LYS B 32 -12.89 -5.97 -30.96
N PHE B 33 -11.67 -6.34 -30.57
CA PHE B 33 -10.58 -5.38 -30.55
C PHE B 33 -9.29 -6.08 -30.36
N SER B 34 -8.23 -5.49 -30.89
CA SER B 34 -6.87 -5.96 -30.67
C SER B 34 -6.01 -4.82 -30.14
N VAL B 35 -5.03 -5.21 -29.32
CA VAL B 35 -4.14 -4.27 -28.67
C VAL B 35 -2.78 -4.86 -28.68
N SER B 36 -1.84 -4.02 -29.09
CA SER B 36 -0.40 -4.28 -29.05
C SER B 36 0.28 -3.40 -28.02
N GLY B 37 1.24 -3.99 -27.31
CA GLY B 37 1.98 -3.31 -26.27
C GLY B 37 3.42 -3.72 -26.21
N GLU B 38 4.25 -2.78 -25.80
CA GLU B 38 5.70 -3.03 -25.72
C GLU B 38 6.34 -2.12 -24.70
N GLY B 39 7.49 -2.53 -24.20
CA GLY B 39 8.29 -1.70 -23.27
C GLY B 39 9.23 -2.58 -22.49
N GLU B 40 9.42 -2.29 -21.21
CA GLU B 40 10.41 -3.02 -20.40
C GLU B 40 10.06 -3.13 -18.93
N GLY B 41 10.74 -4.04 -18.26
CA GLY B 41 10.52 -4.29 -16.84
C GLY B 41 11.85 -4.51 -16.14
N ASP B 42 12.04 -3.83 -15.01
CA ASP B 42 13.19 -4.04 -14.17
C ASP B 42 12.76 -4.54 -12.79
N ALA B 43 12.82 -5.84 -12.58
CA ALA B 43 12.39 -6.47 -11.31
C ALA B 43 13.22 -6.03 -10.10
N THR B 44 14.37 -5.44 -10.37
CA THR B 44 15.17 -4.83 -9.35
C THR B 44 14.42 -3.66 -8.69
N TYR B 45 13.68 -2.88 -9.47
CA TYR B 45 12.95 -1.73 -8.92
C TYR B 45 11.47 -1.96 -8.95
N GLY B 46 11.06 -3.14 -9.38
CA GLY B 46 9.66 -3.41 -9.61
C GLY B 46 8.97 -2.53 -10.64
N LYS B 47 9.71 -2.03 -11.61
CA LYS B 47 9.23 -0.95 -12.50
C LYS B 47 8.90 -1.49 -13.88
N LEU B 48 7.76 -1.07 -14.41
CA LEU B 48 7.30 -1.43 -15.73
C LEU B 48 7.00 -0.15 -16.48
N THR B 49 7.43 -0.08 -17.73
CA THR B 49 7.07 0.97 -18.68
C THR B 49 6.53 0.30 -19.94
N LEU B 50 5.30 0.67 -20.30
CA LEU B 50 4.55 0.00 -21.37
C LEU B 50 3.66 0.98 -22.10
N LYS B 51 3.58 0.81 -23.41
CA LYS B 51 2.75 1.60 -24.24
C LYS B 51 1.92 0.62 -25.01
N PHE B 52 0.59 0.86 -25.02
CA PHE B 52 -0.42 -0.01 -25.61
C PHE B 52 -1.11 0.75 -26.72
N ILE B 53 -1.32 0.08 -27.87
CA ILE B 53 -2.07 0.70 -29.00
C ILE B 53 -3.20 -0.21 -29.37
N CYS B 54 -4.40 0.35 -29.53
CA CYS B 54 -5.50 -0.35 -30.16
C CYS B 54 -5.32 -0.39 -31.68
N THR B 55 -4.94 -1.56 -32.19
CA THR B 55 -4.59 -1.70 -33.58
C THR B 55 -5.82 -1.69 -34.49
N THR B 56 -6.99 -1.94 -33.88
CA THR B 56 -8.27 -2.09 -34.58
C THR B 56 -9.11 -0.81 -34.70
N GLY B 57 -8.66 0.31 -34.16
CA GLY B 57 -9.40 1.59 -34.20
C GLY B 57 -9.73 2.07 -32.80
N LYS B 58 -11.03 2.24 -32.49
CA LYS B 58 -11.47 2.69 -31.16
C LYS B 58 -11.55 1.45 -30.23
N LEU B 59 -10.94 1.59 -29.04
CA LEU B 59 -11.09 0.61 -27.96
C LEU B 59 -12.52 0.74 -27.42
N PRO B 60 -13.30 -0.36 -27.48
CA PRO B 60 -14.72 -0.28 -27.13
C PRO B 60 -15.01 -0.38 -25.62
N VAL B 61 -13.99 -0.68 -24.81
CA VAL B 61 -14.05 -0.56 -23.32
C VAL B 61 -13.06 0.50 -22.85
N PRO B 62 -13.21 1.02 -21.63
CA PRO B 62 -12.17 1.98 -21.16
C PRO B 62 -10.81 1.35 -20.86
N TRP B 63 -9.74 2.04 -21.23
CA TRP B 63 -8.35 1.60 -21.01
C TRP B 63 -8.03 1.12 -19.57
N PRO B 64 -8.39 1.90 -18.52
CA PRO B 64 -8.17 1.43 -17.15
C PRO B 64 -8.71 0.04 -16.86
N THR B 65 -9.81 -0.34 -17.51
CA THR B 65 -10.38 -1.65 -17.27
C THR B 65 -9.48 -2.77 -17.74
N LEU B 66 -8.48 -2.47 -18.57
CA LEU B 66 -7.55 -3.48 -19.11
C LEU B 66 -6.17 -3.51 -18.46
N VAL B 67 -5.90 -2.54 -17.58
CA VAL B 67 -4.59 -2.45 -16.94
C VAL B 67 -4.14 -3.75 -16.30
N THR B 68 -5.02 -4.36 -15.50
CA THR B 68 -4.66 -5.59 -14.79
C THR B 68 -4.46 -6.74 -15.74
N THR B 69 -5.21 -6.74 -16.84
CA THR B 69 -5.05 -7.78 -17.85
C THR B 69 -3.72 -7.61 -18.61
N PHE B 70 -3.34 -6.38 -18.93
CA PHE B 70 -2.05 -6.11 -19.61
C PHE B 70 -0.86 -6.36 -18.69
N1 GYS B 71 -0.98 -5.87 -17.48
OG1 GYS B 71 1.72 -4.23 -15.55
CB1 GYS B 71 0.49 -4.31 -16.25
CA1 GYS B 71 0.12 -5.78 -16.49
C1 GYS B 71 -0.41 -6.50 -15.27
N2 GYS B 71 -0.85 -5.87 -14.18
N3 GYS B 71 -0.51 -7.85 -15.17
C2 GYS B 71 -1.13 -8.10 -13.96
O2 GYS B 71 -1.38 -9.24 -13.60
CA2 GYS B 71 -1.29 -6.82 -13.33
CA3 GYS B 71 -0.24 -8.83 -16.24
CB2 GYS B 71 -1.80 -6.69 -12.08
CG2 GYS B 71 -2.16 -5.47 -11.31
CD1 GYS B 71 -2.00 -4.18 -11.83
CD2 GYS B 71 -2.89 -5.60 -10.16
CE1 GYS B 71 -2.43 -3.06 -11.13
CE2 GYS B 71 -3.34 -4.52 -9.45
CZ GYS B 71 -3.10 -3.25 -9.93
OH GYS B 71 -3.52 -2.19 -9.23
C3 GYS B 71 1.03 -9.63 -16.16
O3 GYS B 71 1.18 -10.67 -16.78
N VAL B 72 2.02 -8.89 -15.74
CA VAL B 72 3.45 -9.41 -15.83
C VAL B 72 4.11 -9.31 -14.45
N GLN B 73 3.47 -9.97 -13.51
CA GLN B 73 3.83 -9.88 -12.11
C GLN B 73 5.16 -10.59 -11.77
N CYS B 74 5.76 -11.26 -12.75
CA CYS B 74 7.14 -11.71 -12.66
C CYS B 74 8.14 -10.55 -12.54
N PHE B 75 7.73 -9.34 -12.90
CA PHE B 75 8.55 -8.13 -12.65
C PHE B 75 8.42 -7.48 -11.28
N SER B 76 7.80 -8.18 -10.32
CA SER B 76 7.61 -7.66 -8.97
C SER B 76 8.95 -7.61 -8.28
N ARG B 77 9.16 -6.56 -7.49
CA ARG B 77 10.30 -6.47 -6.60
C ARG B 77 10.02 -7.27 -5.34
N TYR B 78 10.62 -8.46 -5.21
CA TYR B 78 10.50 -9.23 -3.99
C TYR B 78 11.68 -8.89 -3.12
N PRO B 79 11.45 -8.36 -1.91
CA PRO B 79 12.59 -8.12 -1.01
C PRO B 79 13.32 -9.40 -0.69
N ASP B 80 14.54 -9.29 -0.23
CA ASP B 80 15.44 -10.46 -0.13
C ASP B 80 14.88 -11.61 0.72
N HIS B 81 14.26 -11.25 1.83
CA HIS B 81 13.69 -12.25 2.76
C HIS B 81 12.40 -12.86 2.29
N MET B 82 11.90 -12.39 1.15
CA MET B 82 10.69 -12.92 0.52
C MET B 82 10.91 -13.63 -0.82
N LYS B 83 12.13 -13.68 -1.32
CA LYS B 83 12.40 -14.31 -2.61
C LYS B 83 12.01 -15.82 -2.69
N ARG B 84 12.00 -16.45 -1.54
CA ARG B 84 11.44 -17.80 -1.34
C ARG B 84 10.02 -17.95 -1.90
N HIS B 85 9.30 -16.85 -2.04
CA HIS B 85 7.87 -16.86 -2.35
C HIS B 85 7.55 -16.34 -3.74
N ASP B 86 8.59 -16.10 -4.54
CA ASP B 86 8.37 -15.55 -5.87
C ASP B 86 8.09 -16.69 -6.90
N PHE B 87 6.84 -17.14 -6.93
CA PHE B 87 6.36 -18.14 -7.91
C PHE B 87 6.56 -17.66 -9.34
N PHE B 88 6.11 -16.43 -9.59
CA PHE B 88 6.13 -15.86 -10.93
C PHE B 88 7.47 -16.04 -11.66
N LYS B 89 8.57 -15.71 -11.02
CA LYS B 89 9.85 -15.85 -11.69
C LYS B 89 10.24 -17.31 -11.77
N SER B 90 9.91 -18.10 -10.75
CA SER B 90 10.36 -19.50 -10.66
C SER B 90 9.84 -20.34 -11.82
N ALA B 91 8.69 -19.96 -12.36
CA ALA B 91 8.12 -20.64 -13.49
C ALA B 91 8.81 -20.32 -14.83
N MET B 92 9.83 -19.47 -14.84
CA MET B 92 10.45 -18.99 -16.07
C MET B 92 11.70 -19.81 -16.39
N PRO B 93 12.08 -19.93 -17.67
CA PRO B 93 11.47 -19.22 -18.80
C PRO B 93 10.30 -19.90 -19.46
N GLU B 94 9.91 -21.09 -19.02
CA GLU B 94 8.81 -21.78 -19.68
C GLU B 94 7.51 -20.99 -19.43
N GLY B 95 7.39 -20.45 -18.22
CA GLY B 95 6.35 -19.47 -17.88
C GLY B 95 5.10 -20.02 -17.22
N TYR B 96 4.06 -19.20 -17.17
CA TYR B 96 2.78 -19.58 -16.56
C TYR B 96 1.56 -19.13 -17.33
N VAL B 97 0.48 -19.82 -17.05
CA VAL B 97 -0.82 -19.46 -17.55
C VAL B 97 -1.45 -18.64 -16.45
N GLN B 98 -2.10 -17.55 -16.80
CA GLN B 98 -2.73 -16.65 -15.87
C GLN B 98 -4.13 -16.52 -16.36
N GLU B 99 -5.08 -16.99 -15.56
CA GLU B 99 -6.52 -16.93 -15.89
C GLU B 99 -7.22 -16.02 -14.88
N ARG B 100 -8.21 -15.26 -15.32
CA ARG B 100 -9.00 -14.44 -14.39
C ARG B 100 -10.45 -14.38 -14.73
N THR B 101 -11.31 -14.19 -13.73
CA THR B 101 -12.55 -13.53 -13.99
C THR B 101 -12.45 -12.20 -13.28
N ILE B 102 -12.91 -11.13 -13.91
CA ILE B 102 -12.99 -9.81 -13.32
C ILE B 102 -14.47 -9.43 -13.34
N PHE B 103 -15.09 -9.31 -12.16
CA PHE B 103 -16.52 -9.06 -12.02
C PHE B 103 -16.74 -7.56 -11.84
N PHE B 104 -17.27 -6.89 -12.84
CA PHE B 104 -17.62 -5.47 -12.64
C PHE B 104 -18.97 -5.40 -11.93
N LYS B 105 -18.97 -4.77 -10.76
CA LYS B 105 -20.16 -4.65 -9.94
C LYS B 105 -21.31 -3.89 -10.64
N ASP B 106 -22.46 -4.58 -10.67
CA ASP B 106 -23.68 -4.13 -11.34
C ASP B 106 -23.51 -3.99 -12.86
N ASP B 107 -22.77 -4.96 -13.42
CA ASP B 107 -22.41 -4.93 -14.80
C ASP B 107 -21.81 -6.27 -15.17
N GLY B 108 -21.20 -6.37 -16.35
CA GLY B 108 -20.67 -7.63 -16.86
C GLY B 108 -19.33 -8.06 -16.30
N ASN B 109 -18.83 -9.20 -16.75
CA ASN B 109 -17.53 -9.70 -16.36
C ASN B 109 -16.60 -9.86 -17.57
N TYR B 110 -15.28 -9.79 -17.35
CA TYR B 110 -14.31 -10.15 -18.37
C TYR B 110 -13.84 -11.53 -17.94
N LYS B 111 -13.51 -12.41 -18.86
CA LYS B 111 -12.77 -13.62 -18.56
C LYS B 111 -11.52 -13.57 -19.41
N THR B 112 -10.38 -13.92 -18.85
CA THR B 112 -9.11 -13.73 -19.54
C THR B 112 -8.28 -14.93 -19.31
N ARG B 113 -7.48 -15.27 -20.30
CA ARG B 113 -6.55 -16.41 -20.28
C ARG B 113 -5.33 -15.92 -21.01
N ALA B 114 -4.16 -16.12 -20.40
CA ALA B 114 -2.93 -15.54 -20.93
C ALA B 114 -1.79 -16.45 -20.67
N GLU B 115 -0.85 -16.49 -21.60
CA GLU B 115 0.40 -17.18 -21.41
C GLU B 115 1.44 -16.09 -21.17
N VAL B 116 2.22 -16.22 -20.08
CA VAL B 116 3.28 -15.28 -19.71
C VAL B 116 4.59 -16.09 -19.73
N LYS B 117 5.48 -15.78 -20.67
CA LYS B 117 6.65 -16.58 -20.93
C LYS B 117 7.70 -15.83 -21.74
N PHE B 118 8.93 -16.31 -21.64
CA PHE B 118 10.00 -15.83 -22.50
C PHE B 118 9.90 -16.35 -23.95
N GLU B 119 10.22 -15.49 -24.89
CA GLU B 119 10.36 -15.89 -26.28
C GLU B 119 11.63 -15.21 -26.74
N GLY B 120 12.70 -16.02 -26.80
CA GLY B 120 14.05 -15.51 -26.94
C GLY B 120 14.35 -14.78 -25.65
N ASP B 121 14.79 -13.51 -25.80
CA ASP B 121 15.22 -12.59 -24.72
CA ASP B 121 15.18 -12.71 -24.62
C ASP B 121 14.10 -11.70 -24.19
N THR B 122 12.89 -11.89 -24.72
CA THR B 122 11.73 -11.07 -24.48
C THR B 122 10.66 -11.77 -23.67
N LEU B 123 10.21 -11.11 -22.59
CA LEU B 123 9.05 -11.55 -21.81
C LEU B 123 7.74 -11.18 -22.53
N VAL B 124 6.93 -12.18 -22.81
CA VAL B 124 5.75 -12.00 -23.63
C VAL B 124 4.52 -12.39 -22.86
N ASN B 125 3.47 -11.55 -22.96
CA ASN B 125 2.17 -11.76 -22.32
C ASN B 125 1.14 -11.78 -23.42
N ARG B 126 0.58 -12.95 -23.70
CA ARG B 126 -0.42 -13.12 -24.77
C ARG B 126 -1.76 -13.41 -24.18
N ILE B 127 -2.77 -12.60 -24.50
CA ILE B 127 -4.07 -12.66 -23.82
C ILE B 127 -5.22 -12.83 -24.81
N GLU B 128 -6.10 -13.82 -24.57
CA GLU B 128 -7.50 -13.82 -25.15
C GLU B 128 -8.40 -13.32 -24.03
N LEU B 129 -9.26 -12.35 -24.30
CA LEU B 129 -10.20 -11.82 -23.30
C LEU B 129 -11.62 -11.88 -23.87
N LYS B 130 -12.58 -12.41 -23.10
CA LYS B 130 -14.03 -12.35 -23.46
C LYS B 130 -14.85 -11.71 -22.36
N GLY B 131 -15.73 -10.80 -22.73
CA GLY B 131 -16.63 -10.12 -21.80
C GLY B 131 -18.09 -10.24 -22.24
N ILE B 132 -18.98 -10.58 -21.29
CA ILE B 132 -20.40 -10.78 -21.55
C ILE B 132 -21.23 -10.07 -20.52
N ASP B 133 -22.51 -9.95 -20.82
CA ASP B 133 -23.49 -9.32 -19.96
C ASP B 133 -23.23 -7.85 -19.62
N PHE B 134 -22.50 -7.12 -20.41
CA PHE B 134 -22.31 -5.67 -20.09
C PHE B 134 -23.52 -4.79 -20.43
N LYS B 135 -23.77 -3.75 -19.66
CA LYS B 135 -24.87 -2.84 -19.93
C LYS B 135 -24.41 -1.84 -20.97
N ASP B 136 -25.26 -1.51 -21.95
CA ASP B 136 -24.89 -0.58 -23.05
C ASP B 136 -24.58 0.82 -22.55
N ASP B 137 -25.30 1.30 -21.54
CA ASP B 137 -24.95 2.58 -20.92
C ASP B 137 -24.36 2.35 -19.52
N GLY B 138 -23.75 1.19 -19.33
CA GLY B 138 -22.93 0.96 -18.15
C GLY B 138 -21.66 1.82 -18.14
N ASN B 139 -20.88 1.69 -17.06
CA ASN B 139 -19.68 2.47 -16.93
C ASN B 139 -18.59 1.99 -17.91
N ILE B 140 -18.64 0.73 -18.31
CA ILE B 140 -17.67 0.14 -19.22
C ILE B 140 -18.06 0.54 -20.65
N LEU B 141 -19.07 -0.07 -21.24
CA LEU B 141 -19.44 0.27 -22.62
C LEU B 141 -19.82 1.75 -22.84
N GLY B 142 -20.24 2.44 -21.80
CA GLY B 142 -20.58 3.88 -21.94
C GLY B 142 -19.43 4.86 -21.70
N HIS B 143 -18.22 4.33 -21.45
CA HIS B 143 -17.00 5.11 -21.24
C HIS B 143 -17.18 6.19 -20.20
N LYS B 144 -17.61 5.78 -19.00
CA LYS B 144 -17.80 6.69 -17.87
C LYS B 144 -16.64 6.76 -16.84
N LEU B 145 -15.62 5.91 -17.00
CA LEU B 145 -14.51 5.80 -16.05
C LEU B 145 -13.39 6.81 -16.30
N GLU B 146 -12.96 7.47 -15.24
CA GLU B 146 -11.81 8.36 -15.22
C GLU B 146 -10.59 7.69 -15.87
N TYR B 147 -9.74 8.49 -16.50
CA TYR B 147 -8.46 8.02 -17.01
C TYR B 147 -7.43 8.23 -15.91
N ASN B 148 -7.44 7.28 -14.98
CA ASN B 148 -6.69 7.35 -13.75
C ASN B 148 -6.67 5.98 -13.09
N TYR B 149 -5.86 5.87 -12.04
CA TYR B 149 -5.69 4.63 -11.37
C TYR B 149 -5.31 4.83 -9.91
N ASN B 150 -5.84 3.91 -9.09
CA ASN B 150 -5.65 3.88 -7.66
C ASN B 150 -4.66 2.77 -7.35
N GLU B 151 -3.96 2.90 -6.23
CA GLU B 151 -3.10 1.86 -5.73
C GLU B 151 -3.98 0.74 -5.19
N HIS B 152 -3.48 -0.50 -5.28
CA HIS B 152 -4.13 -1.69 -4.74
C HIS B 152 -3.16 -2.69 -4.22
N LEU B 153 -3.65 -3.54 -3.33
CA LEU B 153 -2.94 -4.72 -2.88
C LEU B 153 -3.53 -5.94 -3.54
N VAL B 154 -2.67 -6.89 -3.90
CA VAL B 154 -3.04 -8.08 -4.63
C VAL B 154 -2.70 -9.24 -3.72
N TYR B 155 -3.70 -9.91 -3.18
CA TYR B 155 -3.47 -10.90 -2.15
C TYR B 155 -3.18 -12.25 -2.81
N ILE B 156 -1.97 -12.74 -2.63
CA ILE B 156 -1.52 -13.98 -3.21
C ILE B 156 -1.62 -15.07 -2.18
N MET B 157 -2.07 -16.26 -2.61
CA MET B 157 -2.15 -17.46 -1.80
C MET B 157 -1.63 -18.61 -2.63
N ALA B 158 -1.06 -19.63 -1.98
CA ALA B 158 -0.66 -20.86 -2.67
C ALA B 158 -1.87 -21.65 -3.10
N ASP B 159 -1.71 -22.40 -4.20
CA ASP B 159 -2.63 -23.48 -4.59
C ASP B 159 -1.78 -24.76 -4.74
N LYS B 160 -1.69 -25.56 -3.67
CA LYS B 160 -0.84 -26.78 -3.65
C LYS B 160 -1.26 -27.81 -4.75
N GLN B 161 -2.55 -28.13 -4.83
CA GLN B 161 -3.15 -29.07 -5.83
C GLN B 161 -2.77 -28.77 -7.29
N LYS B 162 -2.99 -27.52 -7.71
CA LYS B 162 -2.64 -27.07 -9.08
C LYS B 162 -1.16 -26.59 -9.21
N ASN B 163 -0.34 -26.84 -8.19
CA ASN B 163 1.08 -26.48 -8.21
C ASN B 163 1.35 -25.02 -8.64
N GLY B 164 0.55 -24.10 -8.11
CA GLY B 164 0.64 -22.70 -8.47
C GLY B 164 0.08 -21.79 -7.41
N THR B 165 -0.54 -20.70 -7.88
CA THR B 165 -1.06 -19.69 -6.97
C THR B 165 -2.41 -19.18 -7.39
N LYS B 166 -3.06 -18.57 -6.42
CA LYS B 166 -4.33 -17.88 -6.58
C LYS B 166 -4.12 -16.43 -6.10
N ALA B 167 -5.00 -15.55 -6.54
CA ALA B 167 -5.01 -14.19 -6.04
C ALA B 167 -6.40 -13.70 -6.14
N ILE B 168 -6.78 -12.87 -5.17
CA ILE B 168 -8.11 -12.26 -5.13
C ILE B 168 -7.85 -10.84 -4.74
N PHE B 169 -8.46 -9.90 -5.45
CA PHE B 169 -8.29 -8.50 -5.10
C PHE B 169 -9.31 -7.69 -5.79
N GLN B 170 -9.53 -6.47 -5.32
CA GLN B 170 -10.61 -5.62 -5.78
C GLN B 170 -10.13 -4.27 -6.27
N VAL B 171 -10.39 -3.96 -7.54
CA VAL B 171 -9.91 -2.74 -8.11
C VAL B 171 -11.03 -1.74 -8.06
N HIS B 172 -10.70 -0.53 -7.65
CA HIS B 172 -11.55 0.63 -7.63
C HIS B 172 -11.23 1.48 -8.85
N HIS B 173 -12.14 1.51 -9.83
CA HIS B 173 -12.11 2.46 -10.96
C HIS B 173 -12.98 3.62 -10.66
N ASN B 174 -12.41 4.80 -10.49
CA ASN B 174 -13.21 6.03 -10.23
C ASN B 174 -14.16 6.32 -11.41
N ILE B 175 -15.46 6.49 -11.17
CA ILE B 175 -16.42 6.90 -12.20
C ILE B 175 -16.12 8.37 -12.40
N GLU B 176 -16.01 8.84 -13.64
CA GLU B 176 -15.91 10.30 -13.95
C GLU B 176 -17.10 11.08 -13.33
N ASP B 177 -16.81 12.21 -12.69
CA ASP B 177 -17.86 13.02 -12.08
C ASP B 177 -18.67 12.27 -10.97
N GLY B 178 -18.04 11.32 -10.27
CA GLY B 178 -18.58 10.78 -8.98
C GLY B 178 -18.76 9.26 -8.78
N GLY B 179 -18.17 8.75 -7.69
CA GLY B 179 -18.37 7.35 -7.29
C GLY B 179 -17.30 6.41 -7.78
N VAL B 180 -17.55 5.13 -7.58
CA VAL B 180 -16.61 4.07 -7.83
C VAL B 180 -17.28 2.90 -8.52
N GLN B 181 -16.59 2.37 -9.52
CA GLN B 181 -16.94 1.11 -10.14
C GLN B 181 -15.91 0.11 -9.61
N LEU B 182 -16.36 -0.85 -8.86
CA LEU B 182 -15.53 -1.94 -8.41
C LEU B 182 -15.35 -3.02 -9.47
N ALA B 183 -14.23 -3.74 -9.35
CA ALA B 183 -13.84 -4.79 -10.25
C ALA B 183 -13.09 -5.86 -9.44
N ASP B 184 -13.80 -6.93 -9.15
CA ASP B 184 -13.30 -7.96 -8.31
C ASP B 184 -12.60 -8.95 -9.16
N HIS B 185 -11.35 -9.24 -8.84
CA HIS B 185 -10.54 -10.11 -9.63
C HIS B 185 -10.34 -11.43 -8.90
N TYR B 186 -10.63 -12.53 -9.59
CA TYR B 186 -10.31 -13.86 -9.14
C TYR B 186 -9.26 -14.31 -10.12
N GLN B 187 -8.11 -14.81 -9.66
CA GLN B 187 -7.01 -15.14 -10.52
C GLN B 187 -6.37 -16.49 -10.21
N GLN B 188 -5.95 -17.21 -11.26
CA GLN B 188 -5.22 -18.50 -11.16
C GLN B 188 -3.96 -18.34 -11.96
N ASN B 189 -2.85 -18.83 -11.40
CA ASN B 189 -1.60 -18.90 -12.13
C ASN B 189 -1.10 -20.33 -12.05
N THR B 190 -0.89 -20.96 -13.21
CA THR B 190 -0.28 -22.32 -13.26
C THR B 190 0.95 -22.42 -14.19
N PRO B 191 2.01 -23.14 -13.76
CA PRO B 191 3.21 -23.27 -14.60
C PRO B 191 2.90 -24.00 -15.88
N ILE B 192 3.58 -23.59 -16.97
CA ILE B 192 3.46 -24.26 -18.27
C ILE B 192 4.39 -25.45 -18.25
N GLY B 193 5.56 -25.28 -17.64
CA GLY B 193 6.56 -26.34 -17.52
C GLY B 193 6.26 -27.40 -16.48
N ASP B 194 7.11 -28.43 -16.47
CA ASP B 194 7.03 -29.52 -15.49
C ASP B 194 7.96 -29.30 -14.32
N GLY B 195 8.85 -28.30 -14.44
CA GLY B 195 9.92 -28.10 -13.48
C GLY B 195 9.45 -27.71 -12.10
N PRO B 196 10.39 -27.66 -11.14
CA PRO B 196 10.04 -27.28 -9.79
C PRO B 196 9.83 -25.77 -9.73
N VAL B 197 8.77 -25.35 -9.02
CA VAL B 197 8.44 -23.93 -8.82
C VAL B 197 8.29 -23.63 -7.34
N LEU B 198 8.21 -22.35 -7.00
CA LEU B 198 8.07 -21.95 -5.60
C LEU B 198 6.62 -21.66 -5.25
N LEU B 199 6.20 -22.20 -4.11
CA LEU B 199 4.85 -22.05 -3.59
C LEU B 199 4.84 -21.10 -2.40
N PRO B 200 4.11 -20.01 -2.52
CA PRO B 200 4.32 -18.99 -1.54
C PRO B 200 3.47 -19.09 -0.28
N ASP B 201 3.97 -18.54 0.80
CA ASP B 201 3.15 -18.25 1.95
C ASP B 201 2.36 -17.01 1.54
N ASN B 202 1.19 -16.88 2.13
CA ASN B 202 0.40 -15.70 1.95
C ASN B 202 1.23 -14.44 2.10
N HIS B 203 1.09 -13.54 1.11
CA HIS B 203 1.65 -12.20 1.09
C HIS B 203 0.89 -11.42 0.08
N TYR B 204 1.17 -10.15 -0.09
CA TYR B 204 0.53 -9.38 -1.18
C TYR B 204 1.55 -8.63 -2.02
N LEU B 205 1.06 -8.05 -3.11
CA LEU B 205 1.84 -7.11 -3.93
C LEU B 205 1.24 -5.71 -3.91
N HIS B 206 2.01 -4.72 -3.53
CA HIS B 206 1.51 -3.35 -3.50
C HIS B 206 1.80 -2.84 -4.90
N THR B 207 0.76 -2.36 -5.57
CA THR B 207 0.85 -2.02 -6.98
C THR B 207 0.42 -0.59 -7.20
N GLN B 208 1.31 0.20 -7.77
CA GLN B 208 1.01 1.60 -8.04
C GLN B 208 1.14 1.86 -9.54
N SER B 209 0.11 2.43 -10.15
CA SER B 209 0.05 2.55 -11.61
C SER B 209 -0.28 3.99 -11.98
N ALA B 210 0.37 4.51 -13.01
CA ALA B 210 0.03 5.83 -13.60
C ALA B 210 -0.23 5.70 -15.12
N LEU B 211 -1.35 6.26 -15.53
CA LEU B 211 -1.77 6.19 -16.91
C LEU B 211 -1.56 7.52 -17.57
N SER B 212 -1.11 7.49 -18.83
CA SER B 212 -0.92 8.75 -19.59
C SER B 212 -1.02 8.56 -21.12
N LYS B 213 -0.89 9.67 -21.85
CA LYS B 213 -0.97 9.68 -23.30
C LYS B 213 0.33 10.20 -23.86
N ASP B 214 0.91 9.45 -24.80
CA ASP B 214 1.93 9.94 -25.78
C ASP B 214 1.38 11.06 -26.68
N PRO B 215 1.96 12.28 -26.60
CA PRO B 215 1.36 13.45 -27.32
C PRO B 215 1.44 13.36 -28.86
N ASN B 216 2.35 12.52 -29.35
CA ASN B 216 2.55 12.27 -30.80
C ASN B 216 1.86 11.03 -31.37
N GLU B 217 1.18 10.23 -30.53
CA GLU B 217 0.48 9.08 -31.05
C GLU B 217 -0.90 9.53 -31.42
N LYS B 218 -1.30 9.26 -32.65
CA LYS B 218 -2.63 9.63 -33.15
C LYS B 218 -3.67 8.51 -32.84
N ARG B 219 -3.19 7.26 -32.72
CA ARG B 219 -4.03 6.10 -32.42
C ARG B 219 -4.55 6.06 -30.98
N ASP B 220 -5.63 5.31 -30.77
CA ASP B 220 -6.19 5.12 -29.44
C ASP B 220 -5.17 4.28 -28.66
N HIS B 221 -4.74 4.80 -27.50
CA HIS B 221 -3.58 4.21 -26.82
C HIS B 221 -3.50 4.55 -25.30
N MET B 222 -2.60 3.86 -24.62
CA MET B 222 -2.35 4.07 -23.21
C MET B 222 -0.89 3.83 -22.87
N VAL B 223 -0.31 4.77 -22.15
CA VAL B 223 1.02 4.67 -21.57
C VAL B 223 0.86 4.36 -20.08
N LEU B 224 1.53 3.31 -19.64
CA LEU B 224 1.45 2.77 -18.29
C LEU B 224 2.83 2.79 -17.60
N LEU B 225 2.91 3.49 -16.47
CA LEU B 225 4.09 3.47 -15.57
C LEU B 225 3.63 2.88 -14.25
N GLU B 226 4.24 1.74 -13.88
CA GLU B 226 3.74 0.90 -12.82
C GLU B 226 4.88 0.41 -11.91
N PHE B 227 4.61 0.31 -10.62
CA PHE B 227 5.59 -0.23 -9.67
C PHE B 227 4.92 -1.31 -8.86
N VAL B 228 5.56 -2.46 -8.74
CA VAL B 228 5.01 -3.59 -8.04
C VAL B 228 6.04 -4.08 -7.04
N THR B 229 5.65 -4.11 -5.77
CA THR B 229 6.52 -4.51 -4.67
C THR B 229 5.82 -5.54 -3.80
N ALA B 230 6.49 -6.64 -3.50
CA ALA B 230 5.95 -7.67 -2.64
C ALA B 230 6.25 -7.29 -1.20
N ALA B 231 5.38 -7.74 -0.32
CA ALA B 231 5.33 -7.28 1.07
C ALA B 231 4.33 -8.17 1.79
N GLY B 232 4.14 -7.91 3.08
CA GLY B 232 3.27 -8.70 3.96
C GLY B 232 3.96 -9.72 4.84
N ILE B 233 5.24 -9.98 4.63
CA ILE B 233 6.00 -10.86 5.52
C ILE B 233 7.25 -10.09 5.97
N THR B 234 7.58 -10.10 7.27
CA THR B 234 8.64 -9.19 7.81
C THR B 234 9.83 -9.89 8.51
N HIS B 235 9.98 -11.20 8.34
CA HIS B 235 11.02 -12.02 9.01
C HIS B 235 11.74 -12.96 8.01
N GLY B 236 12.84 -13.56 8.47
CA GLY B 236 13.63 -14.52 7.67
C GLY B 236 12.97 -15.89 7.55
#